data_4YLZ
#
_entry.id   4YLZ
#
_cell.length_a   45.083
_cell.length_b   127.640
_cell.length_c   45.102
_cell.angle_alpha   90.000
_cell.angle_beta   96.050
_cell.angle_gamma   90.000
#
_symmetry.space_group_name_H-M   'P 1 21 1'
#
loop_
_entity.id
_entity.type
_entity.pdbx_description
1 polymer Galectin-4
2 branched beta-D-galactopyranose-(1-4)-2-acetamido-2-deoxy-beta-D-glucopyranose-(1-3)-beta-D-galactopyranose-(1-4)-beta-D-glucopyranose
3 non-polymer GLYCEROL
4 non-polymer 'SULFATE ION'
5 water water
#
_entity_poly.entity_id   1
_entity_poly.type   'polypeptide(L)'
_entity_poly.pdbx_seq_one_letter_code
;HCHQQLNSLPTMEGPPTFNPPVPYFGRLQGGLTARRTIIIKGYVPPTGKSFAINFKVGSSGDIALHINPRMGNGTVVRNS
LLNGSWGSEEKKITHNPFGPGQFFDLSIRCGLDRFKVYANGQHLFDFAHRLSAFQRVDTLEIQGDVTLSYVQI
;
_entity_poly.pdbx_strand_id   A,B,C,D
#
# COMPACT_ATOMS: atom_id res chain seq x y z
N PRO A 16 8.06 -28.82 14.54
CA PRO A 16 9.08 -27.97 15.13
C PRO A 16 9.26 -26.64 14.39
N THR A 17 9.89 -25.67 15.04
CA THR A 17 10.04 -24.32 14.47
C THR A 17 11.12 -24.26 13.38
N PHE A 18 12.27 -24.87 13.62
CA PHE A 18 13.38 -24.87 12.66
C PHE A 18 13.47 -26.16 11.86
N ASN A 19 13.71 -26.02 10.56
CA ASN A 19 13.76 -27.13 9.62
C ASN A 19 12.60 -28.13 9.70
N PRO A 20 11.34 -27.64 9.85
CA PRO A 20 10.25 -28.60 9.79
C PRO A 20 10.16 -29.27 8.41
N PRO A 21 9.98 -30.60 8.37
CA PRO A 21 9.85 -31.23 7.07
C PRO A 21 8.48 -30.93 6.43
N VAL A 22 8.44 -31.04 5.11
CA VAL A 22 7.23 -30.89 4.32
C VAL A 22 6.72 -32.30 3.98
N PRO A 23 5.42 -32.56 4.07
CA PRO A 23 4.37 -31.57 4.34
C PRO A 23 4.26 -31.16 5.81
N TYR A 24 4.00 -29.87 6.02
CA TYR A 24 3.91 -29.26 7.33
C TYR A 24 2.45 -29.17 7.77
N PHE A 25 2.18 -29.55 9.03
CA PHE A 25 0.84 -29.51 9.63
C PHE A 25 0.90 -28.85 10.99
N GLY A 26 0.55 -27.56 11.02
CA GLY A 26 0.63 -26.73 12.23
C GLY A 26 -0.74 -26.38 12.81
N ARG A 27 -0.93 -26.71 14.08
CA ARG A 27 -2.19 -26.46 14.80
C ARG A 27 -2.14 -25.03 15.34
N LEU A 28 -3.00 -24.16 14.83
CA LEU A 28 -3.11 -22.79 15.35
C LEU A 28 -4.05 -22.81 16.56
N GLN A 29 -3.46 -22.66 17.75
CA GLN A 29 -4.19 -22.79 19.02
C GLN A 29 -5.13 -21.61 19.26
N GLY A 30 -6.42 -21.92 19.42
CA GLY A 30 -7.46 -20.93 19.64
C GLY A 30 -7.92 -20.25 18.36
N GLY A 31 -7.73 -20.91 17.23
CA GLY A 31 -8.09 -20.37 15.92
C GLY A 31 -7.13 -19.31 15.40
N LEU A 32 -7.37 -18.90 14.15
CA LEU A 32 -6.62 -17.83 13.51
C LEU A 32 -7.14 -16.53 14.07
N THR A 33 -6.24 -15.75 14.68
CA THR A 33 -6.61 -14.52 15.37
C THR A 33 -6.29 -13.34 14.47
N ALA A 34 -7.13 -12.32 14.53
CA ALA A 34 -6.82 -11.04 13.89
C ALA A 34 -5.55 -10.50 14.55
N ARG A 35 -4.64 -9.97 13.72
CA ARG A 35 -3.28 -9.56 14.12
C ARG A 35 -2.25 -10.68 14.31
N ARG A 36 -2.65 -11.95 14.21
CA ARG A 36 -1.70 -13.05 14.26
C ARG A 36 -0.86 -13.03 12.98
N THR A 37 0.46 -13.15 13.16
CA THR A 37 1.39 -13.16 12.05
C THR A 37 2.03 -14.53 11.93
N ILE A 38 2.09 -15.03 10.71
CA ILE A 38 2.81 -16.25 10.40
C ILE A 38 4.06 -15.85 9.62
N ILE A 39 5.20 -16.42 10.02
CA ILE A 39 6.46 -16.29 9.27
C ILE A 39 6.86 -17.64 8.72
N ILE A 40 7.19 -17.65 7.42
CA ILE A 40 7.64 -18.82 6.71
C ILE A 40 8.91 -18.42 5.99
N LYS A 41 10.03 -19.05 6.34
CA LYS A 41 11.28 -18.90 5.61
C LYS A 41 11.61 -20.21 4.96
N GLY A 42 11.92 -20.16 3.67
CA GLY A 42 12.17 -21.37 2.91
C GLY A 42 12.98 -21.18 1.65
N TYR A 43 13.10 -22.26 0.90
CA TYR A 43 13.93 -22.35 -0.29
C TYR A 43 13.13 -23.10 -1.35
N VAL A 44 13.06 -22.53 -2.55
CA VAL A 44 12.46 -23.22 -3.68
C VAL A 44 13.54 -24.01 -4.43
N PRO A 45 13.35 -25.33 -4.59
CA PRO A 45 14.37 -26.12 -5.32
C PRO A 45 14.47 -25.76 -6.80
N PRO A 46 15.66 -25.97 -7.42
CA PRO A 46 15.77 -25.77 -8.87
C PRO A 46 14.71 -26.54 -9.65
N THR A 47 14.38 -27.75 -9.18
CA THR A 47 13.47 -28.64 -9.88
C THR A 47 11.98 -28.43 -9.54
N GLY A 48 11.69 -27.46 -8.67
CA GLY A 48 10.35 -27.29 -8.14
C GLY A 48 9.37 -26.87 -9.21
N LYS A 49 8.16 -27.43 -9.14
CA LYS A 49 7.07 -27.01 -10.02
C LYS A 49 5.97 -26.28 -9.25
N SER A 50 5.69 -26.66 -8.02
CA SER A 50 4.59 -26.03 -7.26
C SER A 50 4.67 -26.34 -5.78
N PHE A 51 4.33 -25.35 -4.95
CA PHE A 51 4.04 -25.59 -3.54
C PHE A 51 2.87 -24.73 -3.08
N ALA A 52 2.27 -25.11 -1.96
CA ALA A 52 1.08 -24.43 -1.44
C ALA A 52 1.14 -24.19 0.05
N ILE A 53 0.58 -23.06 0.47
CA ILE A 53 0.36 -22.73 1.87
C ILE A 53 -1.13 -22.56 2.05
N ASN A 54 -1.77 -23.42 2.84
CA ASN A 54 -3.22 -23.35 3.08
C ASN A 54 -3.54 -22.97 4.50
N PHE A 55 -4.40 -21.96 4.68
CA PHE A 55 -5.02 -21.68 5.97
C PHE A 55 -6.36 -22.43 6.06
N LYS A 56 -6.33 -23.57 6.74
CA LYS A 56 -7.42 -24.56 6.75
C LYS A 56 -8.28 -24.50 8.01
N VAL A 57 -9.55 -24.86 7.85
CA VAL A 57 -10.44 -25.26 8.95
C VAL A 57 -10.51 -26.79 8.89
N GLY A 58 -10.04 -27.46 9.95
CA GLY A 58 -9.90 -28.92 9.99
C GLY A 58 -11.20 -29.72 9.86
N SER A 59 -12.24 -29.29 10.58
CA SER A 59 -13.55 -29.96 10.59
C SER A 59 -14.11 -30.19 9.18
N SER A 60 -14.13 -29.12 8.40
CA SER A 60 -14.65 -29.13 7.03
C SER A 60 -13.63 -29.60 5.99
N GLY A 61 -12.40 -29.08 6.10
CA GLY A 61 -11.41 -29.13 5.02
C GLY A 61 -11.41 -27.85 4.19
N ASP A 62 -12.20 -26.86 4.58
CA ASP A 62 -12.26 -25.57 3.88
C ASP A 62 -10.93 -24.83 4.01
N ILE A 63 -10.58 -24.06 2.98
CA ILE A 63 -9.35 -23.26 2.95
C ILE A 63 -9.71 -21.79 2.77
N ALA A 64 -9.57 -21.00 3.83
CA ALA A 64 -9.72 -19.53 3.78
C ALA A 64 -8.76 -18.86 2.78
N LEU A 65 -7.52 -19.34 2.76
CA LEU A 65 -6.46 -18.80 1.91
C LEU A 65 -5.52 -19.91 1.45
N HIS A 66 -5.49 -20.12 0.14
CA HIS A 66 -4.61 -21.06 -0.54
C HIS A 66 -3.64 -20.17 -1.30
N ILE A 67 -2.36 -20.19 -0.94
CA ILE A 67 -1.28 -19.49 -1.70
C ILE A 67 -0.45 -20.53 -2.46
N ASN A 68 -0.39 -20.40 -3.78
CA ASN A 68 0.17 -21.47 -4.62
C ASN A 68 1.16 -20.91 -5.63
N PRO A 69 2.44 -20.77 -5.23
CA PRO A 69 3.43 -20.44 -6.26
C PRO A 69 3.65 -21.62 -7.20
N ARG A 70 3.66 -21.32 -8.50
CA ARG A 70 3.89 -22.30 -9.56
C ARG A 70 5.07 -21.81 -10.40
N MET A 71 6.11 -22.63 -10.49
CA MET A 71 7.36 -22.24 -11.16
C MET A 71 7.32 -22.24 -12.69
N GLY A 72 6.54 -23.15 -13.29
CA GLY A 72 6.39 -23.22 -14.76
C GLY A 72 6.04 -21.88 -15.41
N ASN A 73 5.03 -21.21 -14.88
CA ASN A 73 4.58 -19.90 -15.40
C ASN A 73 5.00 -18.71 -14.52
N GLY A 74 5.56 -19.00 -13.34
CA GLY A 74 5.98 -17.98 -12.38
C GLY A 74 4.80 -17.23 -11.81
N THR A 75 3.75 -17.96 -11.46
CA THR A 75 2.53 -17.39 -10.93
C THR A 75 2.49 -17.59 -9.43
N VAL A 76 1.83 -16.65 -8.75
CA VAL A 76 1.54 -16.73 -7.35
C VAL A 76 0.01 -16.74 -7.26
N VAL A 77 -0.57 -17.95 -7.23
CA VAL A 77 -2.02 -18.14 -7.25
C VAL A 77 -2.62 -18.05 -5.85
N ARG A 78 -3.65 -17.22 -5.70
CA ARG A 78 -4.40 -17.16 -4.44
C ARG A 78 -5.84 -17.52 -4.72
N ASN A 79 -6.41 -18.35 -3.87
CA ASN A 79 -7.82 -18.72 -3.98
C ASN A 79 -8.38 -19.15 -2.63
N SER A 80 -9.67 -19.48 -2.59
CA SER A 80 -10.31 -20.04 -1.41
C SER A 80 -11.05 -21.32 -1.77
N LEU A 81 -11.15 -22.23 -0.81
CA LEU A 81 -11.96 -23.42 -0.94
C LEU A 81 -13.01 -23.37 0.18
N LEU A 82 -14.15 -22.79 -0.15
CA LEU A 82 -15.22 -22.56 0.82
C LEU A 82 -16.48 -23.25 0.33
N ASN A 83 -17.25 -23.83 1.24
CA ASN A 83 -18.48 -24.56 0.90
C ASN A 83 -18.21 -25.69 -0.12
N GLY A 84 -17.01 -26.26 -0.05
CA GLY A 84 -16.55 -27.30 -0.99
C GLY A 84 -16.01 -26.88 -2.35
N SER A 85 -16.13 -25.60 -2.72
CA SER A 85 -15.79 -25.11 -4.07
C SER A 85 -14.62 -24.11 -4.09
N TRP A 86 -13.86 -24.13 -5.19
CA TRP A 86 -12.82 -23.13 -5.44
C TRP A 86 -13.47 -21.84 -5.88
N GLY A 87 -13.04 -20.73 -5.28
CA GLY A 87 -13.47 -19.40 -5.70
C GLY A 87 -12.75 -18.98 -6.97
N SER A 88 -12.66 -17.68 -7.19
CA SER A 88 -11.98 -17.14 -8.37
C SER A 88 -10.54 -16.78 -8.01
N GLU A 89 -9.61 -17.08 -8.91
CA GLU A 89 -8.18 -16.95 -8.61
C GLU A 89 -7.73 -15.50 -8.64
N GLU A 90 -6.89 -15.12 -7.68
CA GLU A 90 -6.24 -13.81 -7.69
C GLU A 90 -4.76 -14.04 -7.95
N LYS A 91 -4.24 -13.34 -8.95
CA LYS A 91 -2.87 -13.57 -9.42
C LYS A 91 -1.96 -12.35 -9.49
N LYS A 92 -2.47 -11.12 -9.46
CA LYS A 92 -1.61 -9.95 -9.67
C LYS A 92 -0.56 -9.82 -8.55
N ILE A 93 0.68 -9.57 -8.98
CA ILE A 93 1.84 -9.38 -8.10
C ILE A 93 2.66 -8.22 -8.67
N THR A 94 3.48 -7.58 -7.83
CA THR A 94 4.54 -6.66 -8.32
C THR A 94 5.92 -7.32 -8.35
N HIS A 95 6.05 -8.49 -7.73
CA HIS A 95 7.30 -9.29 -7.81
C HIS A 95 7.03 -10.77 -7.56
N ASN A 96 7.94 -11.61 -8.06
CA ASN A 96 7.89 -13.04 -7.78
C ASN A 96 9.09 -13.42 -6.94
N PRO A 97 8.89 -13.65 -5.62
CA PRO A 97 10.01 -14.09 -4.80
C PRO A 97 10.32 -15.59 -4.85
N PHE A 98 9.56 -16.36 -5.63
CA PHE A 98 9.64 -17.84 -5.59
C PHE A 98 10.32 -18.45 -6.80
N GLY A 99 11.33 -17.77 -7.36
CA GLY A 99 12.04 -18.28 -8.52
C GLY A 99 12.71 -19.59 -8.13
N PRO A 100 12.80 -20.54 -9.08
CA PRO A 100 13.46 -21.79 -8.71
C PRO A 100 14.91 -21.54 -8.28
N GLY A 101 15.33 -22.18 -7.20
CA GLY A 101 16.64 -21.97 -6.59
C GLY A 101 16.78 -20.80 -5.63
N GLN A 102 15.67 -20.19 -5.24
CA GLN A 102 15.71 -18.98 -4.44
C GLN A 102 15.27 -19.26 -3.00
N PHE A 103 15.89 -18.54 -2.07
CA PHE A 103 15.42 -18.41 -0.70
C PHE A 103 14.38 -17.27 -0.62
N PHE A 104 13.38 -17.43 0.25
CA PHE A 104 12.35 -16.42 0.49
C PHE A 104 12.02 -16.32 1.98
N ASP A 105 11.59 -15.12 2.39
CA ASP A 105 11.10 -14.82 3.75
C ASP A 105 9.70 -14.21 3.63
N LEU A 106 8.67 -14.98 4.00
CA LEU A 106 7.27 -14.56 3.89
C LEU A 106 6.72 -14.21 5.25
N SER A 107 6.09 -13.04 5.32
CA SER A 107 5.35 -12.59 6.50
C SER A 107 3.87 -12.47 6.14
N ILE A 108 3.03 -13.32 6.73
CA ILE A 108 1.58 -13.35 6.48
C ILE A 108 0.86 -12.81 7.72
N ARG A 109 0.13 -11.70 7.55
CA ARG A 109 -0.64 -11.09 8.63
C ARG A 109 -2.15 -11.23 8.36
N CYS A 110 -2.86 -11.81 9.31
CA CYS A 110 -4.30 -11.95 9.23
C CYS A 110 -4.97 -10.71 9.82
N GLY A 111 -5.39 -9.80 8.94
CA GLY A 111 -6.17 -8.62 9.34
C GLY A 111 -7.66 -8.91 9.48
N LEU A 112 -8.40 -7.92 9.98
CA LEU A 112 -9.87 -7.95 10.00
C LEU A 112 -10.54 -8.13 8.64
N ASP A 113 -10.09 -7.38 7.65
CA ASP A 113 -10.68 -7.41 6.30
C ASP A 113 -9.86 -8.18 5.25
N ARG A 114 -8.56 -8.34 5.49
CA ARG A 114 -7.69 -8.98 4.52
C ARG A 114 -6.46 -9.65 5.14
N PHE A 115 -5.93 -10.65 4.44
CA PHE A 115 -4.57 -11.09 4.67
C PHE A 115 -3.64 -10.10 3.97
N LYS A 116 -2.54 -9.77 4.61
CA LYS A 116 -1.51 -8.92 4.02
C LYS A 116 -0.22 -9.73 4.00
N VAL A 117 0.30 -9.97 2.79
CA VAL A 117 1.47 -10.81 2.63
C VAL A 117 2.64 -9.99 2.09
N TYR A 118 3.77 -10.10 2.77
CA TYR A 118 5.03 -9.47 2.38
C TYR A 118 6.04 -10.57 2.16
N ALA A 119 6.87 -10.41 1.13
CA ALA A 119 7.98 -11.32 0.85
C ALA A 119 9.28 -10.51 0.77
N ASN A 120 10.24 -10.90 1.60
CA ASN A 120 11.53 -10.24 1.74
C ASN A 120 11.39 -8.77 2.10
N GLY A 121 10.41 -8.49 2.97
CA GLY A 121 10.09 -7.12 3.44
C GLY A 121 9.32 -6.25 2.46
N GLN A 122 8.99 -6.79 1.28
CA GLN A 122 8.33 -6.05 0.23
C GLN A 122 6.91 -6.59 0.12
N HIS A 123 5.96 -5.69 -0.07
CA HIS A 123 4.56 -6.10 -0.17
C HIS A 123 4.35 -7.02 -1.37
N LEU A 124 3.68 -8.16 -1.18
CA LEU A 124 3.44 -9.13 -2.25
C LEU A 124 1.98 -9.11 -2.71
N PHE A 125 1.06 -9.30 -1.77
CA PHE A 125 -0.38 -9.11 -2.05
C PHE A 125 -1.19 -8.89 -0.78
N ASP A 126 -2.40 -8.37 -0.97
CA ASP A 126 -3.48 -8.45 0.00
C ASP A 126 -4.55 -9.38 -0.55
N PHE A 127 -5.19 -10.14 0.34
CA PHE A 127 -6.26 -11.05 -0.03
C PHE A 127 -7.47 -10.80 0.87
N ALA A 128 -8.51 -10.17 0.32
CA ALA A 128 -9.78 -9.89 1.02
C ALA A 128 -10.38 -11.17 1.58
N HIS A 129 -10.76 -11.14 2.86
CA HIS A 129 -11.37 -12.32 3.46
C HIS A 129 -12.62 -12.69 2.68
N ARG A 130 -12.73 -13.96 2.34
CA ARG A 130 -13.92 -14.51 1.75
C ARG A 130 -14.66 -15.27 2.85
N LEU A 131 -13.93 -16.07 3.64
CA LEU A 131 -14.45 -16.59 4.89
C LEU A 131 -14.46 -15.45 5.89
N SER A 132 -15.62 -14.81 6.07
CA SER A 132 -15.76 -13.69 7.00
C SER A 132 -15.35 -14.08 8.42
N ALA A 133 -15.71 -15.29 8.85
CA ALA A 133 -15.33 -15.80 10.18
C ALA A 133 -13.95 -16.47 10.14
N PHE A 134 -12.90 -15.64 10.11
CA PHE A 134 -11.50 -16.14 10.03
C PHE A 134 -11.06 -16.98 11.24
N GLN A 135 -11.67 -16.72 12.41
CA GLN A 135 -11.46 -17.51 13.64
C GLN A 135 -11.77 -19.01 13.54
N ARG A 136 -12.48 -19.42 12.49
CA ARG A 136 -12.66 -20.84 12.20
C ARG A 136 -11.34 -21.55 11.83
N VAL A 137 -10.42 -20.84 11.19
CA VAL A 137 -9.15 -21.41 10.70
C VAL A 137 -8.23 -21.81 11.85
N ASP A 138 -7.94 -23.11 11.96
CA ASP A 138 -7.10 -23.64 13.03
C ASP A 138 -5.99 -24.58 12.52
N THR A 139 -5.69 -24.51 11.23
CA THR A 139 -4.78 -25.45 10.58
C THR A 139 -3.93 -24.68 9.56
N LEU A 140 -2.61 -24.65 9.76
CA LEU A 140 -1.68 -24.17 8.74
C LEU A 140 -1.05 -25.40 8.09
N GLU A 141 -1.11 -25.44 6.76
CA GLU A 141 -0.61 -26.53 6.00
C GLU A 141 0.30 -25.98 4.92
N ILE A 142 1.50 -26.54 4.80
CA ILE A 142 2.43 -26.22 3.72
C ILE A 142 2.81 -27.55 3.08
N GLN A 143 2.70 -27.64 1.75
CA GLN A 143 2.92 -28.90 1.04
C GLN A 143 3.53 -28.66 -0.35
N GLY A 144 4.23 -29.68 -0.85
CA GLY A 144 4.84 -29.67 -2.19
C GLY A 144 6.31 -29.32 -2.22
N ASP A 145 6.74 -28.64 -3.29
CA ASP A 145 8.16 -28.49 -3.62
C ASP A 145 8.78 -27.24 -3.00
N VAL A 146 9.03 -27.35 -1.69
CA VAL A 146 9.63 -26.29 -0.92
C VAL A 146 10.33 -26.90 0.29
N THR A 147 11.44 -26.32 0.69
CA THR A 147 12.20 -26.76 1.84
C THR A 147 12.14 -25.60 2.82
N LEU A 148 11.66 -25.90 4.03
CA LEU A 148 11.42 -24.90 5.06
C LEU A 148 12.58 -24.87 6.04
N SER A 149 13.14 -23.68 6.24
CA SER A 149 14.14 -23.45 7.29
C SER A 149 13.52 -22.99 8.61
N TYR A 150 12.33 -22.39 8.55
CA TYR A 150 11.76 -21.70 9.71
C TYR A 150 10.28 -21.37 9.51
N VAL A 151 9.45 -21.79 10.47
CA VAL A 151 8.02 -21.47 10.46
C VAL A 151 7.60 -21.06 11.87
N GLN A 152 7.20 -19.80 12.02
CA GLN A 152 6.76 -19.24 13.30
C GLN A 152 5.27 -18.96 13.21
N ILE A 153 4.48 -19.76 13.93
CA ILE A 153 3.03 -19.55 14.04
C ILE A 153 2.70 -19.13 15.48
N PRO B 16 10.38 34.79 -3.23
CA PRO B 16 11.47 34.71 -2.26
C PRO B 16 11.41 33.44 -1.39
N THR B 17 12.55 33.06 -0.81
CA THR B 17 12.69 31.83 -0.01
C THR B 17 12.14 31.98 1.41
N PHE B 18 12.44 33.11 2.07
CA PHE B 18 12.00 33.33 3.44
C PHE B 18 10.74 34.18 3.51
N ASN B 19 9.86 33.82 4.43
CA ASN B 19 8.57 34.48 4.61
C ASN B 19 7.86 34.85 3.29
N PRO B 20 7.73 33.89 2.35
CA PRO B 20 6.99 34.18 1.12
C PRO B 20 5.49 34.35 1.43
N PRO B 21 4.85 35.37 0.86
CA PRO B 21 3.41 35.50 1.10
C PRO B 21 2.62 34.45 0.31
N VAL B 22 1.34 34.31 0.65
CA VAL B 22 0.44 33.36 0.02
C VAL B 22 -0.61 34.18 -0.76
N PRO B 23 -0.98 33.81 -1.99
CA PRO B 23 -0.51 32.60 -2.68
C PRO B 23 0.96 32.61 -3.13
N TYR B 24 1.59 31.46 -2.95
CA TYR B 24 2.94 31.20 -3.43
C TYR B 24 2.86 30.59 -4.83
N PHE B 25 3.68 31.10 -5.76
CA PHE B 25 3.87 30.52 -7.10
C PHE B 25 5.37 30.39 -7.33
N GLY B 26 5.87 29.17 -7.50
CA GLY B 26 7.29 28.92 -7.66
C GLY B 26 7.56 27.97 -8.79
N ARG B 27 8.44 28.37 -9.71
CA ARG B 27 8.78 27.60 -10.90
C ARG B 27 9.91 26.61 -10.59
N LEU B 28 9.66 25.33 -10.85
CA LEU B 28 10.61 24.24 -10.61
C LEU B 28 11.50 24.03 -11.84
N GLN B 29 12.68 24.67 -11.83
CA GLN B 29 13.61 24.62 -12.98
C GLN B 29 14.06 23.18 -13.29
N GLY B 30 13.89 22.79 -14.55
CA GLY B 30 14.12 21.41 -15.00
C GLY B 30 13.02 20.40 -14.66
N GLY B 31 11.91 20.87 -14.10
CA GLY B 31 10.81 19.98 -13.66
C GLY B 31 11.14 19.10 -12.45
N LEU B 32 10.16 18.31 -12.01
CA LEU B 32 10.37 17.40 -10.87
C LEU B 32 11.22 16.19 -11.28
N THR B 33 12.48 16.20 -10.89
CA THR B 33 13.38 15.07 -11.14
C THR B 33 13.31 14.11 -9.97
N ALA B 34 13.71 12.86 -10.22
CA ALA B 34 13.48 11.74 -9.29
C ALA B 34 14.14 11.88 -7.91
N ARG B 35 15.26 12.60 -7.84
CA ARG B 35 15.95 12.88 -6.57
C ARG B 35 15.28 14.04 -5.79
N ARG B 36 14.59 14.93 -6.49
CA ARG B 36 14.30 16.28 -6.00
C ARG B 36 13.45 16.33 -4.74
N THR B 37 13.80 17.26 -3.85
CA THR B 37 13.06 17.50 -2.60
C THR B 37 12.62 18.96 -2.49
N ILE B 38 11.40 19.15 -1.99
CA ILE B 38 10.86 20.46 -1.69
C ILE B 38 10.71 20.52 -0.17
N ILE B 39 11.10 21.66 0.44
CA ILE B 39 10.90 21.92 1.86
C ILE B 39 9.89 23.06 2.01
N ILE B 40 8.86 22.83 2.83
CA ILE B 40 7.84 23.83 3.18
C ILE B 40 7.67 23.88 4.71
N LYS B 41 8.02 25.04 5.28
CA LYS B 41 7.83 25.35 6.68
C LYS B 41 6.81 26.46 6.79
N GLY B 42 5.87 26.29 7.70
CA GLY B 42 4.78 27.22 7.84
C GLY B 42 4.04 27.05 9.14
N TYR B 43 2.95 27.78 9.25
CA TYR B 43 2.16 27.88 10.48
C TYR B 43 0.69 27.84 10.08
N VAL B 44 -0.10 26.96 10.69
CA VAL B 44 -1.55 26.93 10.47
C VAL B 44 -2.21 27.95 11.43
N PRO B 45 -2.98 28.92 10.91
CA PRO B 45 -3.65 29.91 11.79
C PRO B 45 -4.71 29.30 12.70
N PRO B 46 -4.89 29.84 13.93
CA PRO B 46 -5.90 29.26 14.84
C PRO B 46 -7.31 29.15 14.22
N THR B 47 -7.67 30.13 13.39
CA THR B 47 -8.93 30.13 12.66
C THR B 47 -8.90 29.33 11.36
N GLY B 48 -7.75 28.84 10.93
CA GLY B 48 -7.58 28.27 9.58
C GLY B 48 -8.57 27.15 9.28
N LYS B 49 -9.12 27.16 8.07
CA LYS B 49 -10.01 26.10 7.63
C LYS B 49 -9.38 25.15 6.61
N SER B 50 -8.60 25.69 5.68
CA SER B 50 -8.03 24.86 4.62
C SER B 50 -6.84 25.54 3.96
N PHE B 51 -5.83 24.75 3.60
CA PHE B 51 -4.81 25.21 2.66
C PHE B 51 -4.44 24.10 1.68
N ALA B 52 -3.87 24.49 0.55
CA ALA B 52 -3.48 23.53 -0.48
C ALA B 52 -2.06 23.78 -0.93
N ILE B 53 -1.31 22.69 -1.12
CA ILE B 53 -0.01 22.69 -1.78
C ILE B 53 -0.18 21.88 -3.07
N ASN B 54 -0.03 22.55 -4.21
CA ASN B 54 -0.26 21.97 -5.52
C ASN B 54 1.01 21.85 -6.37
N PHE B 55 1.24 20.63 -6.88
CA PHE B 55 2.32 20.36 -7.82
C PHE B 55 1.71 20.31 -9.21
N LYS B 56 1.97 21.37 -9.97
CA LYS B 56 1.28 21.63 -11.23
C LYS B 56 2.14 21.48 -12.48
N VAL B 57 1.49 21.12 -13.58
CA VAL B 57 2.01 21.34 -14.92
C VAL B 57 1.40 22.68 -15.33
N GLY B 58 2.20 23.75 -15.23
CA GLY B 58 1.72 25.12 -15.40
C GLY B 58 1.09 25.39 -16.76
N SER B 59 1.77 24.94 -17.81
CA SER B 59 1.31 25.13 -19.18
C SER B 59 0.34 24.00 -19.60
N SER B 60 -0.81 23.95 -18.90
CA SER B 60 -1.88 22.91 -19.02
C SER B 60 -2.91 22.99 -17.86
N GLY B 61 -2.41 23.05 -16.63
CA GLY B 61 -3.23 23.15 -15.43
C GLY B 61 -3.33 21.89 -14.57
N ASP B 62 -2.93 20.75 -15.13
CA ASP B 62 -2.92 19.48 -14.39
C ASP B 62 -2.22 19.61 -13.04
N ILE B 63 -2.81 19.04 -11.99
CA ILE B 63 -2.17 18.95 -10.67
C ILE B 63 -1.80 17.48 -10.45
N ALA B 64 -0.49 17.21 -10.41
CA ALA B 64 0.01 15.85 -10.20
C ALA B 64 -0.21 15.39 -8.75
N LEU B 65 -0.11 16.34 -7.82
CA LEU B 65 -0.31 16.09 -6.40
C LEU B 65 -0.92 17.33 -5.72
N HIS B 66 -2.16 17.19 -5.27
CA HIS B 66 -2.89 18.13 -4.43
C HIS B 66 -2.81 17.63 -2.99
N ILE B 67 -2.18 18.41 -2.11
CA ILE B 67 -2.12 18.11 -0.68
C ILE B 67 -3.00 19.18 -0.02
N ASN B 68 -4.07 18.75 0.66
CA ASN B 68 -5.09 19.70 1.17
C ASN B 68 -5.50 19.37 2.61
N PRO B 69 -4.74 19.88 3.59
CA PRO B 69 -5.16 19.81 5.00
C PRO B 69 -6.42 20.64 5.26
N ARG B 70 -7.40 20.03 5.93
CA ARG B 70 -8.65 20.67 6.30
C ARG B 70 -8.81 20.58 7.82
N MET B 71 -8.74 21.73 8.48
CA MET B 71 -8.75 21.79 9.95
C MET B 71 -10.05 21.31 10.57
N GLY B 72 -11.19 21.67 9.99
CA GLY B 72 -12.51 21.31 10.53
C GLY B 72 -12.72 19.83 10.86
N ASN B 73 -12.14 18.94 10.05
CA ASN B 73 -12.20 17.48 10.31
C ASN B 73 -10.84 16.85 10.59
N GLY B 74 -9.77 17.64 10.51
CA GLY B 74 -8.42 17.15 10.69
C GLY B 74 -8.05 16.13 9.64
N THR B 75 -8.42 16.41 8.39
CA THR B 75 -8.09 15.55 7.26
C THR B 75 -6.89 16.09 6.49
N VAL B 76 -6.11 15.18 5.92
CA VAL B 76 -5.08 15.53 4.95
C VAL B 76 -5.43 14.83 3.64
N VAL B 77 -6.14 15.56 2.77
CA VAL B 77 -6.64 15.02 1.53
C VAL B 77 -5.54 15.10 0.47
N ARG B 78 -5.30 13.99 -0.22
CA ARG B 78 -4.41 13.96 -1.38
C ARG B 78 -5.21 13.58 -2.60
N ASN B 79 -4.93 14.25 -3.70
CA ASN B 79 -5.61 13.92 -4.94
C ASN B 79 -4.81 14.44 -6.10
N SER B 80 -5.22 14.07 -7.31
CA SER B 80 -4.68 14.58 -8.56
C SER B 80 -5.82 15.18 -9.39
N LEU B 81 -5.49 16.20 -10.18
CA LEU B 81 -6.41 16.80 -11.13
C LEU B 81 -5.79 16.63 -12.50
N LEU B 82 -6.24 15.59 -13.20
CA LEU B 82 -5.65 15.18 -14.46
C LEU B 82 -6.74 15.20 -15.55
N ASN B 83 -6.39 15.76 -16.71
CA ASN B 83 -7.31 15.90 -17.84
C ASN B 83 -8.64 16.55 -17.43
N GLY B 84 -8.54 17.53 -16.53
CA GLY B 84 -9.67 18.27 -16.02
C GLY B 84 -10.47 17.63 -14.88
N SER B 85 -10.18 16.38 -14.50
CA SER B 85 -10.99 15.63 -13.53
C SER B 85 -10.20 15.22 -12.28
N TRP B 86 -10.78 15.52 -11.10
CA TRP B 86 -10.28 15.01 -9.82
C TRP B 86 -10.33 13.49 -9.76
N GLY B 87 -9.23 12.90 -9.31
CA GLY B 87 -9.11 11.46 -9.12
C GLY B 87 -9.70 10.99 -7.82
N SER B 88 -9.19 9.86 -7.35
CA SER B 88 -9.62 9.24 -6.09
C SER B 88 -8.89 9.91 -4.93
N GLU B 89 -9.62 10.27 -3.86
CA GLU B 89 -8.98 10.90 -2.69
C GLU B 89 -8.24 9.86 -1.87
N GLU B 90 -7.01 10.20 -1.45
CA GLU B 90 -6.29 9.40 -0.47
C GLU B 90 -6.23 10.25 0.80
N LYS B 91 -6.63 9.65 1.92
CA LYS B 91 -6.76 10.32 3.22
C LYS B 91 -5.97 9.71 4.39
N LYS B 92 -5.62 8.42 4.32
CA LYS B 92 -5.00 7.73 5.46
C LYS B 92 -3.73 8.43 5.91
N ILE B 93 -3.61 8.59 7.23
CA ILE B 93 -2.44 9.18 7.88
C ILE B 93 -2.20 8.48 9.19
N THR B 94 -0.98 8.57 9.72
CA THR B 94 -0.67 8.13 11.07
C THR B 94 -0.50 9.28 12.05
N HIS B 95 -0.49 10.52 11.54
CA HIS B 95 -0.58 11.71 12.41
C HIS B 95 -1.00 12.93 11.59
N ASN B 96 -1.65 13.89 12.24
CA ASN B 96 -1.94 15.18 11.61
C ASN B 96 -1.09 16.28 12.22
N PRO B 97 -0.05 16.74 11.48
CA PRO B 97 0.76 17.88 11.93
C PRO B 97 0.14 19.26 11.64
N PHE B 98 -1.03 19.31 11.01
CA PHE B 98 -1.64 20.59 10.59
C PHE B 98 -2.73 21.13 11.51
N GLY B 99 -2.65 20.83 12.81
CA GLY B 99 -3.63 21.32 13.77
C GLY B 99 -3.61 22.84 13.88
N PRO B 100 -4.79 23.47 14.12
CA PRO B 100 -4.82 24.93 14.22
C PRO B 100 -3.89 25.44 15.33
N GLY B 101 -3.16 26.50 15.03
CA GLY B 101 -2.11 27.04 15.91
C GLY B 101 -0.75 26.35 15.88
N GLN B 102 -0.55 25.39 14.99
CA GLN B 102 0.70 24.61 15.00
C GLN B 102 1.66 25.05 13.88
N PHE B 103 2.95 24.92 14.17
CA PHE B 103 4.00 25.09 13.17
C PHE B 103 4.28 23.70 12.58
N PHE B 104 4.62 23.65 11.28
CA PHE B 104 4.95 22.38 10.61
C PHE B 104 6.19 22.53 9.70
N ASP B 105 6.93 21.42 9.55
CA ASP B 105 8.10 21.34 8.67
C ASP B 105 7.88 20.15 7.74
N LEU B 106 7.55 20.43 6.48
CA LEU B 106 7.25 19.41 5.48
C LEU B 106 8.39 19.23 4.53
N SER B 107 8.72 17.96 4.28
CA SER B 107 9.67 17.57 3.25
C SER B 107 8.98 16.65 2.22
N ILE B 108 9.07 17.00 0.94
CA ILE B 108 8.37 16.28 -0.13
C ILE B 108 9.41 15.83 -1.14
N ARG B 109 9.58 14.51 -1.27
CA ARG B 109 10.48 13.91 -2.24
C ARG B 109 9.68 13.24 -3.34
N CYS B 110 10.08 13.50 -4.58
CA CYS B 110 9.52 12.84 -5.74
C CYS B 110 10.33 11.57 -5.97
N GLY B 111 9.78 10.41 -5.64
CA GLY B 111 10.45 9.14 -5.92
C GLY B 111 10.23 8.72 -7.36
N LEU B 112 10.77 7.56 -7.73
CA LEU B 112 10.52 7.02 -9.05
C LEU B 112 9.10 6.49 -9.16
N ASP B 113 8.60 5.82 -8.13
CA ASP B 113 7.24 5.28 -8.16
C ASP B 113 6.22 6.04 -7.27
N ARG B 114 6.68 6.91 -6.36
CA ARG B 114 5.74 7.67 -5.52
C ARG B 114 6.34 8.95 -4.96
N PHE B 115 5.49 9.92 -4.62
CA PHE B 115 5.91 11.03 -3.77
C PHE B 115 6.04 10.49 -2.35
N LYS B 116 7.09 10.88 -1.65
CA LYS B 116 7.25 10.50 -0.26
C LYS B 116 7.26 11.79 0.58
N VAL B 117 6.29 11.90 1.50
CA VAL B 117 6.10 13.15 2.25
C VAL B 117 6.28 12.92 3.75
N TYR B 118 7.16 13.72 4.35
CA TYR B 118 7.43 13.69 5.79
C TYR B 118 7.00 15.02 6.39
N ALA B 119 6.46 14.96 7.60
CA ALA B 119 6.14 16.12 8.40
C ALA B 119 6.89 16.02 9.73
N ASN B 120 7.64 17.08 10.05
CA ASN B 120 8.42 17.18 11.28
C ASN B 120 9.37 16.00 11.47
N GLY B 121 9.99 15.54 10.38
CA GLY B 121 10.80 14.32 10.39
C GLY B 121 10.06 12.98 10.53
N GLN B 122 8.72 13.01 10.57
CA GLN B 122 7.88 11.80 10.67
C GLN B 122 7.21 11.56 9.34
N HIS B 123 7.25 10.32 8.86
CA HIS B 123 6.62 9.97 7.59
C HIS B 123 5.13 10.24 7.67
N LEU B 124 4.60 11.02 6.73
CA LEU B 124 3.21 11.41 6.71
C LEU B 124 2.36 10.60 5.72
N PHE B 125 2.80 10.53 4.46
CA PHE B 125 2.16 9.68 3.44
C PHE B 125 3.08 9.42 2.27
N ASP B 126 2.80 8.37 1.53
CA ASP B 126 3.32 8.17 0.17
C ASP B 126 2.15 8.36 -0.78
N PHE B 127 2.41 8.92 -1.96
CA PHE B 127 1.38 9.12 -2.97
C PHE B 127 1.93 8.58 -4.28
N ALA B 128 1.26 7.56 -4.81
CA ALA B 128 1.70 6.89 -6.03
C ALA B 128 1.49 7.81 -7.22
N HIS B 129 2.47 7.86 -8.11
CA HIS B 129 2.39 8.73 -9.27
C HIS B 129 1.17 8.32 -10.09
N ARG B 130 0.36 9.31 -10.43
CA ARG B 130 -0.76 9.14 -11.34
C ARG B 130 -0.41 9.76 -12.69
N LEU B 131 0.15 10.97 -12.68
CA LEU B 131 0.81 11.49 -13.87
C LEU B 131 2.17 10.77 -13.97
N SER B 132 2.38 10.07 -15.07
CA SER B 132 3.51 9.11 -15.19
C SER B 132 4.81 9.82 -15.48
N ALA B 133 4.79 10.74 -16.44
CA ALA B 133 5.96 11.57 -16.70
C ALA B 133 5.87 12.73 -15.71
N PHE B 134 6.10 12.40 -14.43
CA PHE B 134 6.09 13.37 -13.33
C PHE B 134 6.98 14.58 -13.59
N GLN B 135 8.09 14.35 -14.31
CA GLN B 135 8.99 15.41 -14.72
C GLN B 135 8.34 16.57 -15.53
N ARG B 136 7.13 16.38 -16.05
CA ARG B 136 6.35 17.50 -16.62
C ARG B 136 5.84 18.53 -15.59
N VAL B 137 5.80 18.16 -14.30
CA VAL B 137 5.46 19.09 -13.22
C VAL B 137 6.59 20.12 -13.11
N ASP B 138 6.23 21.39 -13.22
CA ASP B 138 7.18 22.51 -13.18
C ASP B 138 6.81 23.67 -12.23
N THR B 139 5.69 23.56 -11.52
CA THR B 139 5.11 24.69 -10.78
C THR B 139 4.72 24.21 -9.39
N LEU B 140 5.22 24.88 -8.35
CA LEU B 140 4.70 24.73 -6.99
C LEU B 140 3.76 25.89 -6.67
N GLU B 141 2.58 25.55 -6.16
CA GLU B 141 1.56 26.54 -5.81
C GLU B 141 1.06 26.22 -4.40
N ILE B 142 1.03 27.22 -3.53
CA ILE B 142 0.49 27.07 -2.17
C ILE B 142 -0.48 28.21 -1.92
N GLN B 143 -1.67 27.88 -1.43
CA GLN B 143 -2.71 28.87 -1.18
C GLN B 143 -3.54 28.52 0.04
N GLY B 144 -4.30 29.50 0.52
CA GLY B 144 -5.27 29.30 1.58
C GLY B 144 -4.76 29.72 2.94
N ASP B 145 -5.27 29.07 3.98
CA ASP B 145 -5.08 29.51 5.35
C ASP B 145 -3.81 28.93 5.92
N VAL B 146 -2.70 29.53 5.52
CA VAL B 146 -1.39 29.10 5.93
C VAL B 146 -0.46 30.29 5.84
N THR B 147 0.42 30.42 6.81
CA THR B 147 1.49 31.40 6.77
C THR B 147 2.79 30.65 6.58
N LEU B 148 3.63 31.12 5.67
CA LEU B 148 4.87 30.42 5.31
C LEU B 148 6.12 31.15 5.82
N SER B 149 6.99 30.42 6.50
CA SER B 149 8.27 30.95 6.97
C SER B 149 9.44 30.65 6.02
N TYR B 150 9.35 29.54 5.29
CA TYR B 150 10.44 29.08 4.44
C TYR B 150 9.95 28.06 3.42
N VAL B 151 10.31 28.28 2.15
CA VAL B 151 10.04 27.35 1.04
C VAL B 151 11.34 27.20 0.28
N GLN B 152 11.92 26.00 0.28
CA GLN B 152 13.14 25.72 -0.48
C GLN B 152 12.82 24.86 -1.68
N ILE B 153 13.25 25.33 -2.85
CA ILE B 153 12.81 24.81 -4.11
C ILE B 153 14.03 24.56 -5.01
N GLY C 14 -30.80 2.39 28.95
CA GLY C 14 -30.54 3.53 29.88
C GLY C 14 -30.32 4.88 29.20
N PRO C 15 -30.59 6.00 29.91
CA PRO C 15 -30.48 7.31 29.29
C PRO C 15 -29.02 7.74 29.13
N PRO C 16 -28.78 8.89 28.50
CA PRO C 16 -27.43 9.45 28.49
C PRO C 16 -27.08 10.09 29.83
N THR C 17 -25.78 10.18 30.12
CA THR C 17 -25.26 10.95 31.24
C THR C 17 -24.76 12.25 30.65
N PHE C 18 -25.27 13.36 31.15
CA PHE C 18 -24.86 14.69 30.65
C PHE C 18 -23.75 15.29 31.51
N ASN C 19 -22.85 16.01 30.86
CA ASN C 19 -21.69 16.66 31.45
C ASN C 19 -20.96 15.88 32.56
N PRO C 20 -20.71 14.56 32.33
CA PRO C 20 -20.06 13.79 33.39
C PRO C 20 -18.63 14.25 33.64
N PRO C 21 -18.19 14.28 34.91
CA PRO C 21 -16.87 14.83 35.19
C PRO C 21 -15.77 13.87 34.78
N VAL C 22 -14.61 14.42 34.48
CA VAL C 22 -13.42 13.64 34.14
C VAL C 22 -12.46 13.75 35.34
N PRO C 23 -11.93 12.64 35.88
CA PRO C 23 -12.05 11.28 35.31
C PRO C 23 -13.45 10.64 35.44
N TYR C 24 -13.84 9.93 34.39
CA TYR C 24 -15.14 9.28 34.28
C TYR C 24 -14.97 7.77 34.38
N PHE C 25 -15.80 7.15 35.22
CA PHE C 25 -15.90 5.70 35.33
C PHE C 25 -17.36 5.33 35.12
N GLY C 26 -17.65 4.60 34.03
CA GLY C 26 -19.01 4.14 33.73
C GLY C 26 -19.07 2.63 33.65
N ARG C 27 -19.99 2.02 34.40
CA ARG C 27 -20.15 0.56 34.39
C ARG C 27 -20.94 0.11 33.17
N LEU C 28 -20.44 -0.93 32.50
CA LEU C 28 -21.08 -1.52 31.31
C LEU C 28 -21.94 -2.73 31.72
N GLN C 29 -23.18 -2.42 32.10
CA GLN C 29 -24.21 -3.42 32.45
C GLN C 29 -24.11 -4.75 31.69
N GLY C 30 -24.02 -5.85 32.45
CA GLY C 30 -23.83 -7.19 31.90
C GLY C 30 -22.63 -7.31 30.99
N GLY C 31 -21.57 -6.56 31.30
CA GLY C 31 -20.38 -6.50 30.46
C GLY C 31 -20.61 -5.83 29.10
N LEU C 32 -19.51 -5.53 28.42
CA LEU C 32 -19.56 -5.03 27.05
C LEU C 32 -20.28 -6.05 26.17
N THR C 33 -21.28 -5.58 25.43
CA THR C 33 -22.16 -6.43 24.62
C THR C 33 -21.99 -6.06 23.17
N ALA C 34 -21.89 -7.07 22.30
CA ALA C 34 -21.81 -6.86 20.86
C ALA C 34 -23.11 -6.27 20.34
N ARG C 35 -22.99 -5.50 19.27
CA ARG C 35 -24.14 -4.89 18.59
C ARG C 35 -24.78 -3.74 19.38
N ARG C 36 -24.10 -3.24 20.41
CA ARG C 36 -24.45 -1.97 21.02
C ARG C 36 -23.40 -0.94 20.60
N THR C 37 -23.80 0.33 20.63
CA THR C 37 -22.95 1.45 20.22
C THR C 37 -22.84 2.50 21.33
N ILE C 38 -21.61 2.81 21.70
CA ILE C 38 -21.32 3.78 22.75
C ILE C 38 -21.12 5.16 22.11
N ILE C 39 -21.75 6.17 22.69
CA ILE C 39 -21.68 7.55 22.19
C ILE C 39 -20.94 8.38 23.23
N ILE C 40 -19.87 9.05 22.80
CA ILE C 40 -19.08 9.96 23.64
C ILE C 40 -18.97 11.29 22.89
N LYS C 41 -19.52 12.35 23.48
CA LYS C 41 -19.39 13.70 22.90
C LYS C 41 -18.54 14.54 23.85
N GLY C 42 -17.58 15.26 23.30
CA GLY C 42 -16.69 16.08 24.10
C GLY C 42 -15.93 17.16 23.37
N TYR C 43 -14.94 17.71 24.06
CA TYR C 43 -14.19 18.88 23.63
C TYR C 43 -12.72 18.75 24.09
N VAL C 44 -11.79 18.98 23.18
CA VAL C 44 -10.35 18.95 23.49
C VAL C 44 -9.91 20.39 23.75
N PRO C 45 -9.45 20.71 24.97
CA PRO C 45 -8.98 22.10 25.20
C PRO C 45 -7.74 22.47 24.38
N PRO C 46 -7.57 23.77 24.04
CA PRO C 46 -6.36 24.19 23.30
C PRO C 46 -5.03 24.04 24.07
N THR C 47 -5.07 23.98 25.40
CA THR C 47 -3.89 23.64 26.22
C THR C 47 -3.78 22.14 26.53
N GLY C 48 -4.76 21.35 26.09
CA GLY C 48 -4.76 19.90 26.25
C GLY C 48 -3.54 19.21 25.64
N LYS C 49 -3.07 18.18 26.34
CA LYS C 49 -1.92 17.38 25.93
C LYS C 49 -2.44 16.06 25.36
N SER C 50 -3.23 15.35 26.16
CA SER C 50 -3.70 14.03 25.77
C SER C 50 -4.83 13.57 26.67
N PHE C 51 -5.63 12.66 26.15
CA PHE C 51 -6.64 11.98 26.96
C PHE C 51 -6.77 10.53 26.49
N ALA C 52 -7.47 9.72 27.27
CA ALA C 52 -7.63 8.31 26.96
C ALA C 52 -9.04 7.82 27.28
N ILE C 53 -9.55 6.98 26.38
CA ILE C 53 -10.80 6.26 26.53
C ILE C 53 -10.43 4.79 26.62
N ASN C 54 -10.75 4.18 27.76
CA ASN C 54 -10.35 2.81 28.05
C ASN C 54 -11.53 1.92 28.33
N PHE C 55 -11.57 0.81 27.60
CA PHE C 55 -12.50 -0.26 27.85
C PHE C 55 -11.80 -1.23 28.76
N LYS C 56 -12.21 -1.23 30.03
CA LYS C 56 -11.47 -1.90 31.11
C LYS C 56 -12.19 -3.11 31.69
N VAL C 57 -11.38 -4.12 32.06
CA VAL C 57 -11.81 -5.18 32.95
C VAL C 57 -11.58 -4.69 34.37
N GLY C 58 -12.65 -4.24 35.02
CA GLY C 58 -12.59 -3.69 36.36
C GLY C 58 -11.92 -4.58 37.40
N SER C 59 -12.06 -5.90 37.27
CA SER C 59 -11.47 -6.87 38.22
C SER C 59 -9.95 -6.96 38.13
N SER C 60 -9.42 -6.90 36.91
CA SER C 60 -8.01 -7.18 36.65
C SER C 60 -7.15 -5.96 36.28
N GLY C 61 -7.78 -4.90 35.77
CA GLY C 61 -7.05 -3.76 35.21
C GLY C 61 -6.59 -3.92 33.77
N ASP C 62 -6.90 -5.06 33.13
CA ASP C 62 -6.64 -5.21 31.69
C ASP C 62 -7.45 -4.18 30.90
N ILE C 63 -6.90 -3.74 29.77
CA ILE C 63 -7.60 -2.83 28.85
C ILE C 63 -7.74 -3.51 27.50
N ALA C 64 -8.98 -3.84 27.13
CA ALA C 64 -9.29 -4.41 25.82
C ALA C 64 -9.03 -3.43 24.68
N LEU C 65 -9.47 -2.18 24.88
CA LEU C 65 -9.26 -1.10 23.90
C LEU C 65 -8.91 0.18 24.63
N HIS C 66 -7.72 0.67 24.33
CA HIS C 66 -7.20 1.94 24.81
C HIS C 66 -7.16 2.86 23.60
N ILE C 67 -7.96 3.92 23.62
CA ILE C 67 -7.96 4.96 22.57
C ILE C 67 -7.34 6.21 23.19
N ASN C 68 -6.25 6.70 22.58
CA ASN C 68 -5.36 7.68 23.19
C ASN C 68 -4.99 8.77 22.19
N PRO C 69 -5.88 9.77 22.02
CA PRO C 69 -5.51 10.92 21.19
C PRO C 69 -4.47 11.81 21.87
N ARG C 70 -3.38 12.10 21.15
CA ARG C 70 -2.27 12.87 21.70
C ARG C 70 -2.05 14.12 20.86
N MET C 71 -2.54 15.27 21.32
CA MET C 71 -2.48 16.51 20.48
C MET C 71 -1.09 17.08 20.20
N GLY C 72 -0.09 16.68 20.98
CA GLY C 72 1.28 17.16 20.79
C GLY C 72 1.90 16.75 19.46
N ASN C 73 1.61 15.51 19.03
CA ASN C 73 2.04 15.02 17.71
C ASN C 73 0.89 14.70 16.76
N GLY C 74 -0.35 14.93 17.21
CA GLY C 74 -1.53 14.77 16.38
C GLY C 74 -1.84 13.33 16.04
N THR C 75 -1.56 12.40 16.95
CA THR C 75 -1.80 10.97 16.75
C THR C 75 -3.04 10.52 17.51
N VAL C 76 -3.61 9.39 17.07
CA VAL C 76 -4.66 8.71 17.82
C VAL C 76 -4.16 7.27 17.99
N VAL C 77 -3.59 7.00 19.15
CA VAL C 77 -3.00 5.73 19.43
C VAL C 77 -4.05 4.77 19.99
N ARG C 78 -4.05 3.55 19.47
CA ARG C 78 -4.87 2.46 19.99
C ARG C 78 -3.97 1.30 20.36
N ASN C 79 -4.28 0.64 21.47
CA ASN C 79 -3.51 -0.53 21.92
C ASN C 79 -4.36 -1.34 22.89
N SER C 80 -3.82 -2.48 23.34
CA SER C 80 -4.43 -3.30 24.38
C SER C 80 -3.44 -3.65 25.47
N LEU C 81 -3.90 -3.59 26.73
CA LEU C 81 -3.11 -4.01 27.90
C LEU C 81 -3.67 -5.33 28.44
N LEU C 82 -2.98 -6.44 28.13
CA LEU C 82 -3.41 -7.78 28.54
C LEU C 82 -2.28 -8.51 29.30
N ASN C 83 -2.54 -8.87 30.55
CA ASN C 83 -1.56 -9.41 31.49
C ASN C 83 -0.31 -8.53 31.61
N GLY C 84 -0.56 -7.27 31.99
CA GLY C 84 0.51 -6.31 32.26
C GLY C 84 1.26 -5.72 31.08
N SER C 85 1.10 -6.29 29.87
CA SER C 85 1.90 -5.89 28.70
C SER C 85 1.06 -5.19 27.64
N TRP C 86 1.59 -4.08 27.12
CA TRP C 86 0.99 -3.40 25.96
C TRP C 86 1.38 -4.15 24.69
N GLY C 87 0.45 -4.24 23.75
CA GLY C 87 0.70 -4.86 22.45
C GLY C 87 1.28 -3.86 21.46
N SER C 88 1.15 -4.15 20.18
CA SER C 88 1.59 -3.22 19.14
C SER C 88 0.58 -2.08 18.97
N GLU C 89 1.09 -0.88 18.77
CA GLU C 89 0.25 0.30 18.57
C GLU C 89 -0.35 0.34 17.16
N GLU C 90 -1.60 0.77 17.09
CA GLU C 90 -2.26 1.13 15.84
C GLU C 90 -2.46 2.65 15.78
N LYS C 91 -2.07 3.24 14.65
CA LYS C 91 -2.10 4.67 14.43
C LYS C 91 -2.83 5.16 13.18
N LYS C 92 -2.98 4.30 12.17
CA LYS C 92 -3.63 4.74 10.93
C LYS C 92 -5.05 5.26 11.20
N ILE C 93 -5.35 6.42 10.62
CA ILE C 93 -6.66 7.06 10.75
C ILE C 93 -7.00 7.72 9.42
N THR C 94 -8.30 7.86 9.16
CA THR C 94 -8.77 8.56 7.97
C THR C 94 -8.78 10.07 8.21
N HIS C 95 -8.89 10.47 9.48
CA HIS C 95 -8.83 11.87 9.90
C HIS C 95 -8.61 11.95 11.41
N ASN C 96 -8.25 13.14 11.89
CA ASN C 96 -8.05 13.35 13.34
C ASN C 96 -9.01 14.42 13.83
N PRO C 97 -10.15 14.01 14.41
CA PRO C 97 -11.13 14.99 14.94
C PRO C 97 -10.80 15.57 16.32
N PHE C 98 -9.63 15.22 16.88
CA PHE C 98 -9.24 15.66 18.22
C PHE C 98 -8.23 16.81 18.22
N GLY C 99 -8.23 17.65 17.19
CA GLY C 99 -7.38 18.84 17.17
C GLY C 99 -7.63 19.77 18.36
N PRO C 100 -6.66 20.67 18.66
CA PRO C 100 -6.86 21.57 19.81
C PRO C 100 -8.07 22.48 19.63
N GLY C 101 -8.88 22.62 20.69
CA GLY C 101 -10.10 23.43 20.64
C GLY C 101 -11.21 22.90 19.75
N GLN C 102 -11.21 21.60 19.45
CA GLN C 102 -12.21 20.98 18.56
C GLN C 102 -13.27 20.20 19.36
N PHE C 103 -14.50 20.18 18.84
CA PHE C 103 -15.53 19.29 19.35
C PHE C 103 -15.51 18.00 18.53
N PHE C 104 -15.72 16.88 19.22
CA PHE C 104 -15.88 15.58 18.56
C PHE C 104 -17.17 14.93 19.09
N ASP C 105 -17.80 14.14 18.22
CA ASP C 105 -18.97 13.32 18.56
C ASP C 105 -18.62 11.92 18.10
N LEU C 106 -18.19 11.10 19.05
CA LEU C 106 -17.61 9.80 18.75
C LEU C 106 -18.66 8.72 18.98
N SER C 107 -18.60 7.68 18.15
CA SER C 107 -19.39 6.48 18.36
C SER C 107 -18.49 5.27 18.24
N ILE C 108 -18.77 4.25 19.06
CA ILE C 108 -17.95 3.06 19.10
C ILE C 108 -18.91 1.86 19.13
N ARG C 109 -19.01 1.14 18.01
CA ARG C 109 -19.80 -0.09 17.96
CA ARG C 109 -19.79 -0.10 17.95
C ARG C 109 -18.90 -1.27 18.29
N CYS C 110 -19.31 -2.05 19.28
CA CYS C 110 -18.66 -3.32 19.58
C CYS C 110 -19.31 -4.36 18.67
N GLY C 111 -18.51 -4.90 17.75
CA GLY C 111 -18.90 -6.02 16.90
C GLY C 111 -18.34 -7.32 17.47
N LEU C 112 -18.62 -8.43 16.79
CA LEU C 112 -18.14 -9.75 17.20
C LEU C 112 -16.64 -9.94 16.99
N ASP C 113 -16.09 -9.36 15.92
CA ASP C 113 -14.63 -9.45 15.62
C ASP C 113 -13.83 -8.16 15.91
N ARG C 114 -14.50 -7.01 16.02
CA ARG C 114 -13.83 -5.73 16.17
C ARG C 114 -14.66 -4.66 16.91
N PHE C 115 -13.97 -3.58 17.24
CA PHE C 115 -14.61 -2.29 17.54
C PHE C 115 -14.57 -1.46 16.27
N LYS C 116 -15.68 -0.81 15.94
CA LYS C 116 -15.73 0.16 14.86
C LYS C 116 -15.94 1.55 15.44
N VAL C 117 -15.05 2.48 15.09
CA VAL C 117 -15.02 3.78 15.70
C VAL C 117 -15.24 4.84 14.62
N TYR C 118 -16.25 5.68 14.85
CA TYR C 118 -16.68 6.74 13.95
C TYR C 118 -16.63 8.05 14.71
N ALA C 119 -16.32 9.13 14.01
CA ALA C 119 -16.35 10.47 14.57
C ALA C 119 -17.19 11.33 13.67
N ASN C 120 -18.17 12.02 14.24
CA ASN C 120 -19.06 12.89 13.48
C ASN C 120 -19.73 12.09 12.34
N GLY C 121 -20.02 10.82 12.60
CA GLY C 121 -20.51 9.88 11.59
C GLY C 121 -19.52 9.38 10.54
N GLN C 122 -18.27 9.86 10.57
CA GLN C 122 -17.25 9.50 9.61
C GLN C 122 -16.39 8.39 10.19
N HIS C 123 -16.23 7.30 9.45
CA HIS C 123 -15.42 6.18 9.92
C HIS C 123 -14.00 6.64 10.25
N LEU C 124 -13.53 6.30 11.44
CA LEU C 124 -12.23 6.73 11.93
C LEU C 124 -11.22 5.57 11.86
N PHE C 125 -11.55 4.45 12.50
CA PHE C 125 -10.75 3.23 12.39
C PHE C 125 -11.56 2.03 12.87
N ASP C 126 -11.07 0.83 12.52
CA ASP C 126 -11.47 -0.43 13.16
C ASP C 126 -10.35 -0.92 14.08
N PHE C 127 -10.73 -1.65 15.12
CA PHE C 127 -9.75 -2.22 16.04
C PHE C 127 -10.15 -3.65 16.32
N ALA C 128 -9.29 -4.58 15.94
CA ALA C 128 -9.60 -6.00 16.07
C ALA C 128 -9.55 -6.39 17.55
N HIS C 129 -10.51 -7.20 17.98
CA HIS C 129 -10.47 -7.73 19.32
C HIS C 129 -9.19 -8.54 19.49
N ARG C 130 -8.42 -8.16 20.51
CA ARG C 130 -7.26 -8.94 20.95
C ARG C 130 -7.68 -9.77 22.15
N LEU C 131 -8.36 -9.14 23.11
CA LEU C 131 -9.13 -9.87 24.11
C LEU C 131 -10.39 -10.36 23.42
N SER C 132 -10.32 -11.58 22.89
CA SER C 132 -11.41 -12.21 22.14
C SER C 132 -12.76 -12.11 22.86
N ALA C 133 -12.73 -12.34 24.17
CA ALA C 133 -13.92 -12.25 25.03
C ALA C 133 -14.08 -10.81 25.47
N PHE C 134 -14.45 -9.95 24.50
CA PHE C 134 -14.77 -8.55 24.74
C PHE C 134 -15.78 -8.33 25.88
N GLN C 135 -16.63 -9.34 26.13
CA GLN C 135 -17.57 -9.34 27.26
C GLN C 135 -16.92 -9.23 28.63
N ARG C 136 -15.65 -9.62 28.74
CA ARG C 136 -14.92 -9.47 30.00
C ARG C 136 -14.80 -8.00 30.44
N VAL C 137 -14.83 -7.08 29.47
CA VAL C 137 -14.88 -5.64 29.76
C VAL C 137 -16.21 -5.30 30.44
N ASP C 138 -16.13 -4.61 31.57
CA ASP C 138 -17.30 -4.11 32.30
C ASP C 138 -17.21 -2.63 32.72
N THR C 139 -16.13 -1.94 32.33
CA THR C 139 -15.92 -0.54 32.73
C THR C 139 -15.48 0.30 31.54
N LEU C 140 -16.14 1.44 31.38
CA LEU C 140 -15.71 2.47 30.44
C LEU C 140 -15.06 3.60 31.23
N GLU C 141 -13.78 3.84 30.94
CA GLU C 141 -12.98 4.82 31.64
C GLU C 141 -12.49 5.91 30.68
N ILE C 142 -12.71 7.17 31.04
CA ILE C 142 -12.28 8.34 30.23
C ILE C 142 -11.51 9.28 31.16
N GLN C 143 -10.33 9.69 30.72
CA GLN C 143 -9.44 10.55 31.52
C GLN C 143 -8.42 11.32 30.72
N GLY C 144 -7.83 12.31 31.38
CA GLY C 144 -6.84 13.19 30.78
C GLY C 144 -7.49 14.51 30.40
N ASP C 145 -6.84 15.23 29.49
CA ASP C 145 -7.26 16.59 29.16
C ASP C 145 -8.41 16.57 28.18
N VAL C 146 -9.63 16.49 28.72
CA VAL C 146 -10.83 16.44 27.89
C VAL C 146 -12.08 16.86 28.69
N THR C 147 -13.05 17.47 28.02
CA THR C 147 -14.33 17.83 28.61
C THR C 147 -15.41 17.01 27.94
N LEU C 148 -16.18 16.27 28.73
CA LEU C 148 -17.27 15.45 28.21
C LEU C 148 -18.60 16.16 28.36
N SER C 149 -19.35 16.25 27.25
CA SER C 149 -20.70 16.81 27.29
C SER C 149 -21.79 15.72 27.46
N TYR C 150 -21.53 14.50 26.97
CA TYR C 150 -22.56 13.48 26.81
C TYR C 150 -21.89 12.11 26.61
N VAL C 151 -22.30 11.14 27.41
CA VAL C 151 -21.92 9.74 27.26
C VAL C 151 -23.17 8.87 27.36
N GLN C 152 -23.42 8.06 26.32
CA GLN C 152 -24.53 7.11 26.33
C GLN C 152 -24.05 5.71 25.90
N ILE C 153 -24.40 4.70 26.71
CA ILE C 153 -24.04 3.32 26.41
C ILE C 153 -24.98 2.71 25.36
N GLY D 14 8.44 -9.58 -43.54
CA GLY D 14 9.83 -10.14 -43.49
C GLY D 14 9.96 -11.40 -42.64
N PRO D 15 10.94 -12.28 -42.94
CA PRO D 15 11.03 -13.53 -42.19
C PRO D 15 11.55 -13.35 -40.77
N PRO D 16 11.40 -14.38 -39.93
CA PRO D 16 12.03 -14.33 -38.61
C PRO D 16 13.55 -14.37 -38.71
N THR D 17 14.24 -13.75 -37.75
CA THR D 17 15.70 -13.84 -37.59
C THR D 17 15.98 -14.90 -36.53
N PHE D 18 16.83 -15.88 -36.87
CA PHE D 18 17.08 -17.04 -35.98
C PHE D 18 18.40 -16.91 -35.20
N ASN D 19 18.33 -17.15 -33.90
CA ASN D 19 19.48 -17.03 -32.98
C ASN D 19 20.27 -15.72 -33.05
N PRO D 20 19.57 -14.57 -33.17
CA PRO D 20 20.32 -13.31 -33.29
C PRO D 20 21.11 -13.00 -32.02
N PRO D 21 22.39 -12.61 -32.16
CA PRO D 21 23.19 -12.33 -30.97
C PRO D 21 22.79 -11.06 -30.23
N VAL D 22 23.08 -11.05 -28.93
CA VAL D 22 22.82 -9.93 -28.04
C VAL D 22 24.17 -9.21 -27.87
N PRO D 23 24.25 -7.89 -28.09
CA PRO D 23 23.10 -7.00 -28.26
C PRO D 23 22.43 -7.08 -29.64
N TYR D 24 21.11 -7.19 -29.63
CA TYR D 24 20.31 -7.20 -30.84
C TYR D 24 19.86 -5.77 -31.14
N PHE D 25 19.99 -5.39 -32.41
CA PHE D 25 19.48 -4.12 -32.91
C PHE D 25 18.61 -4.41 -34.11
N GLY D 26 17.30 -4.24 -33.94
CA GLY D 26 16.33 -4.42 -34.99
C GLY D 26 15.83 -3.06 -35.45
N ARG D 27 16.17 -2.69 -36.68
CA ARG D 27 15.81 -1.37 -37.21
C ARG D 27 14.37 -1.33 -37.71
N LEU D 28 13.62 -2.42 -37.51
CA LEU D 28 12.17 -2.46 -37.75
C LEU D 28 11.95 -2.51 -39.27
N GLN D 29 10.72 -2.27 -39.72
CA GLN D 29 10.40 -2.27 -41.14
C GLN D 29 10.26 -0.81 -41.58
N GLY D 30 9.32 -0.10 -40.97
CA GLY D 30 9.27 1.36 -41.04
C GLY D 30 9.51 1.89 -39.64
N GLY D 31 8.72 2.87 -39.24
CA GLY D 31 8.60 3.23 -37.82
C GLY D 31 7.72 2.20 -37.12
N LEU D 32 7.44 2.42 -35.84
CA LEU D 32 6.57 1.50 -35.09
C LEU D 32 5.13 1.70 -35.53
N THR D 33 4.49 0.61 -35.96
CA THR D 33 3.21 0.64 -36.63
C THR D 33 2.16 -0.09 -35.78
N ALA D 34 1.05 0.60 -35.53
CA ALA D 34 -0.08 -0.01 -34.85
C ALA D 34 -0.54 -1.29 -35.56
N ARG D 35 -1.07 -2.22 -34.79
CA ARG D 35 -1.67 -3.46 -35.30
C ARG D 35 -0.65 -4.47 -35.87
N ARG D 36 0.64 -4.27 -35.59
CA ARG D 36 1.70 -5.26 -35.90
C ARG D 36 2.16 -5.91 -34.60
N THR D 37 2.37 -7.23 -34.62
CA THR D 37 2.83 -7.98 -33.44
C THR D 37 4.28 -8.46 -33.60
N ILE D 38 5.14 -8.04 -32.68
CA ILE D 38 6.55 -8.49 -32.61
C ILE D 38 6.66 -9.75 -31.74
N ILE D 39 7.45 -10.72 -32.19
CA ILE D 39 7.66 -11.99 -31.48
C ILE D 39 9.12 -12.12 -31.08
N ILE D 40 9.35 -12.41 -29.80
CA ILE D 40 10.69 -12.61 -29.24
C ILE D 40 10.67 -13.89 -28.39
N LYS D 41 11.33 -14.95 -28.88
CA LYS D 41 11.56 -16.17 -28.09
C LYS D 41 12.99 -16.17 -27.60
N GLY D 42 13.18 -16.55 -26.34
CA GLY D 42 14.49 -16.59 -25.76
C GLY D 42 14.56 -17.37 -24.48
N TYR D 43 15.73 -17.28 -23.84
CA TYR D 43 16.08 -18.09 -22.69
C TYR D 43 16.84 -17.23 -21.68
N VAL D 44 16.40 -17.27 -20.42
CA VAL D 44 17.03 -16.53 -19.34
C VAL D 44 17.92 -17.55 -18.60
N PRO D 45 19.26 -17.41 -18.71
CA PRO D 45 20.14 -18.42 -18.07
C PRO D 45 20.09 -18.38 -16.53
N PRO D 46 20.42 -19.52 -15.85
CA PRO D 46 20.46 -19.51 -14.38
C PRO D 46 21.52 -18.55 -13.81
N THR D 47 22.57 -18.27 -14.59
CA THR D 47 23.53 -17.19 -14.32
C THR D 47 22.87 -15.81 -14.40
N GLY D 48 22.13 -15.56 -15.49
CA GLY D 48 21.54 -14.27 -15.80
C GLY D 48 20.93 -13.47 -14.65
N LYS D 49 21.31 -12.20 -14.57
CA LYS D 49 20.83 -11.31 -13.51
C LYS D 49 19.69 -10.43 -14.02
N SER D 50 19.82 -9.86 -15.22
CA SER D 50 18.74 -9.12 -15.87
C SER D 50 18.98 -8.92 -17.38
N PHE D 51 17.93 -8.48 -18.06
CA PHE D 51 18.01 -8.07 -19.46
C PHE D 51 16.93 -7.01 -19.76
N ALA D 52 17.05 -6.35 -20.91
CA ALA D 52 16.11 -5.31 -21.30
C ALA D 52 15.68 -5.39 -22.77
N ILE D 53 14.42 -5.04 -23.00
CA ILE D 53 13.82 -4.90 -24.32
C ILE D 53 13.42 -3.41 -24.42
N ASN D 54 14.07 -2.69 -25.34
CA ASN D 54 13.86 -1.26 -25.50
C ASN D 54 13.32 -0.89 -26.87
N PHE D 55 12.21 -0.15 -26.85
CA PHE D 55 11.67 0.51 -28.03
C PHE D 55 12.16 1.96 -28.04
N LYS D 56 13.08 2.26 -28.96
CA LYS D 56 13.83 3.52 -28.97
C LYS D 56 13.49 4.43 -30.14
N VAL D 57 13.65 5.75 -29.91
CA VAL D 57 13.33 6.76 -30.93
C VAL D 57 14.44 6.83 -32.01
N GLY D 58 15.56 6.13 -31.82
CA GLY D 58 16.51 5.83 -32.90
C GLY D 58 17.96 6.14 -32.55
N SER D 59 18.36 7.39 -32.80
CA SER D 59 19.72 7.87 -32.57
C SER D 59 19.85 8.62 -31.24
N SER D 60 18.72 8.93 -30.62
CA SER D 60 18.66 9.84 -29.47
C SER D 60 19.04 9.13 -28.17
N GLY D 61 18.32 8.05 -27.88
CA GLY D 61 18.39 7.39 -26.58
C GLY D 61 17.04 7.35 -25.87
N ASP D 62 16.11 8.24 -26.25
CA ASP D 62 14.74 8.22 -25.74
C ASP D 62 14.08 6.87 -25.96
N ILE D 63 13.44 6.34 -24.91
CA ILE D 63 12.87 4.99 -24.94
C ILE D 63 11.38 5.12 -24.66
N ALA D 64 10.55 4.81 -25.66
CA ALA D 64 9.09 4.82 -25.49
C ALA D 64 8.63 3.73 -24.51
N LEU D 65 9.22 2.54 -24.62
CA LEU D 65 8.95 1.43 -23.69
C LEU D 65 10.22 0.65 -23.39
N HIS D 66 10.58 0.64 -22.11
CA HIS D 66 11.69 -0.14 -21.57
C HIS D 66 11.03 -1.29 -20.83
N ILE D 67 11.28 -2.54 -21.23
CA ILE D 67 10.84 -3.72 -20.49
C ILE D 67 12.09 -4.39 -19.89
N ASN D 68 12.11 -4.56 -18.57
CA ASN D 68 13.33 -4.90 -17.84
C ASN D 68 13.12 -5.99 -16.77
N PRO D 69 13.08 -7.27 -17.21
CA PRO D 69 13.01 -8.37 -16.25
C PRO D 69 14.29 -8.46 -15.43
N ARG D 70 14.14 -8.41 -14.10
CA ARG D 70 15.26 -8.47 -13.18
C ARG D 70 15.13 -9.76 -12.37
N MET D 71 16.06 -10.70 -12.57
CA MET D 71 15.98 -12.01 -11.91
C MET D 71 16.22 -11.93 -10.42
N GLY D 72 17.14 -11.06 -9.99
CA GLY D 72 17.47 -10.84 -8.58
C GLY D 72 16.28 -10.75 -7.64
N ASN D 73 15.24 -10.03 -8.06
CA ASN D 73 14.00 -9.85 -7.28
C ASN D 73 12.71 -10.27 -8.02
N GLY D 74 12.85 -10.98 -9.14
CA GLY D 74 11.73 -11.45 -9.92
C GLY D 74 10.72 -10.36 -10.24
N THR D 75 11.21 -9.21 -10.70
CA THR D 75 10.34 -8.12 -11.12
C THR D 75 10.38 -8.00 -12.63
N VAL D 76 9.38 -7.33 -13.18
CA VAL D 76 9.34 -7.02 -14.61
C VAL D 76 9.05 -5.52 -14.74
N VAL D 77 10.10 -4.74 -14.87
CA VAL D 77 10.01 -3.29 -14.81
C VAL D 77 9.70 -2.71 -16.19
N ARG D 78 8.77 -1.76 -16.22
CA ARG D 78 8.45 -1.00 -17.40
C ARG D 78 8.55 0.48 -17.10
N ASN D 79 9.16 1.21 -18.03
CA ASN D 79 9.27 2.66 -17.92
C ASN D 79 9.53 3.24 -19.30
N SER D 80 9.49 4.56 -19.38
CA SER D 80 9.83 5.33 -20.56
C SER D 80 10.89 6.35 -20.16
N LEU D 81 11.89 6.52 -21.02
CA LEU D 81 12.93 7.53 -20.85
C LEU D 81 12.58 8.70 -21.79
N LEU D 82 11.96 9.74 -21.23
CA LEU D 82 11.43 10.87 -22.02
C LEU D 82 11.87 12.20 -21.42
N ASN D 83 12.18 13.15 -22.30
CA ASN D 83 12.69 14.48 -21.90
C ASN D 83 13.89 14.35 -20.95
N GLY D 84 14.77 13.40 -21.23
CA GLY D 84 15.94 13.12 -20.40
C GLY D 84 15.73 12.45 -19.05
N SER D 85 14.50 12.04 -18.74
CA SER D 85 14.12 11.55 -17.41
C SER D 85 13.29 10.26 -17.48
N TRP D 86 13.58 9.31 -16.59
CA TRP D 86 12.70 8.15 -16.39
C TRP D 86 11.39 8.62 -15.75
N GLY D 87 10.31 7.91 -16.03
CA GLY D 87 8.99 8.19 -15.46
C GLY D 87 8.76 7.29 -14.28
N SER D 88 7.49 7.13 -13.89
CA SER D 88 7.16 6.14 -12.86
C SER D 88 7.29 4.73 -13.44
N GLU D 89 7.84 3.82 -12.64
CA GLU D 89 7.95 2.44 -13.06
C GLU D 89 6.59 1.77 -12.98
N GLU D 90 6.36 0.83 -13.89
CA GLU D 90 5.23 -0.06 -13.80
C GLU D 90 5.77 -1.49 -13.61
N LYS D 91 5.24 -2.15 -12.59
CA LYS D 91 5.70 -3.48 -12.17
C LYS D 91 4.60 -4.54 -12.07
N LYS D 92 3.34 -4.12 -11.91
CA LYS D 92 2.20 -5.05 -11.89
C LYS D 92 2.27 -6.09 -12.99
N ILE D 93 2.18 -7.35 -12.62
CA ILE D 93 2.11 -8.45 -13.59
C ILE D 93 1.16 -9.54 -13.09
N THR D 94 0.65 -10.34 -14.04
CA THR D 94 -0.18 -11.49 -13.73
C THR D 94 0.70 -12.73 -13.48
N HIS D 95 1.88 -12.76 -14.10
CA HIS D 95 2.86 -13.82 -13.88
C HIS D 95 4.26 -13.37 -14.34
N ASN D 96 5.29 -14.07 -13.88
CA ASN D 96 6.68 -13.78 -14.30
C ASN D 96 7.27 -14.96 -15.06
N PRO D 97 7.27 -14.90 -16.40
CA PRO D 97 7.79 -15.98 -17.22
C PRO D 97 9.32 -15.94 -17.42
N PHE D 98 10.02 -15.07 -16.68
CA PHE D 98 11.44 -14.84 -16.88
C PHE D 98 12.27 -15.41 -15.73
N GLY D 99 11.81 -16.50 -15.11
CA GLY D 99 12.58 -17.14 -14.04
C GLY D 99 13.94 -17.62 -14.54
N PRO D 100 14.93 -17.77 -13.63
CA PRO D 100 16.23 -18.26 -14.08
C PRO D 100 16.12 -19.68 -14.65
N GLY D 101 16.75 -19.91 -15.80
CA GLY D 101 16.69 -21.18 -16.51
C GLY D 101 15.40 -21.48 -17.26
N GLN D 102 14.56 -20.46 -17.49
CA GLN D 102 13.28 -20.66 -18.17
C GLN D 102 13.30 -20.07 -19.59
N PHE D 103 12.66 -20.77 -20.52
CA PHE D 103 12.41 -20.26 -21.85
C PHE D 103 11.13 -19.46 -21.83
N PHE D 104 11.09 -18.40 -22.63
CA PHE D 104 9.89 -17.55 -22.75
C PHE D 104 9.54 -17.33 -24.22
N ASP D 105 8.25 -17.11 -24.48
CA ASP D 105 7.72 -16.83 -25.81
C ASP D 105 6.87 -15.59 -25.72
N LEU D 106 7.45 -14.48 -26.14
CA LEU D 106 6.88 -13.18 -25.89
C LEU D 106 6.28 -12.63 -27.16
N SER D 107 5.14 -11.98 -27.02
CA SER D 107 4.54 -11.24 -28.11
C SER D 107 4.20 -9.84 -27.62
N ILE D 108 4.48 -8.85 -28.45
CA ILE D 108 4.22 -7.45 -28.15
C ILE D 108 3.43 -6.86 -29.30
N ARG D 109 2.20 -6.44 -29.03
CA ARG D 109 1.36 -5.75 -30.04
C ARG D 109 1.38 -4.25 -29.74
N CYS D 110 1.67 -3.44 -30.76
CA CYS D 110 1.49 -1.99 -30.67
C CYS D 110 0.06 -1.65 -31.05
N GLY D 111 -0.69 -1.10 -30.10
CA GLY D 111 -2.00 -0.50 -30.37
C GLY D 111 -1.83 0.98 -30.65
N LEU D 112 -2.96 1.67 -30.80
CA LEU D 112 -2.94 3.14 -30.95
C LEU D 112 -2.63 3.87 -29.64
N ASP D 113 -3.18 3.37 -28.52
CA ASP D 113 -3.08 3.99 -27.19
CA ASP D 113 -2.99 4.03 -27.21
C ASP D 113 -2.24 3.18 -26.18
N ARG D 114 -1.82 1.98 -26.57
CA ARG D 114 -1.14 1.08 -25.63
C ARG D 114 -0.39 -0.06 -26.31
N PHE D 115 0.69 -0.49 -25.66
CA PHE D 115 1.37 -1.74 -25.98
C PHE D 115 0.64 -2.83 -25.23
N LYS D 116 0.55 -4.01 -25.83
CA LYS D 116 -0.09 -5.17 -25.24
C LYS D 116 0.91 -6.32 -25.25
N VAL D 117 1.34 -6.77 -24.08
CA VAL D 117 2.39 -7.77 -23.98
C VAL D 117 1.80 -9.06 -23.44
N TYR D 118 2.16 -10.16 -24.10
CA TYR D 118 1.77 -11.51 -23.71
C TYR D 118 2.98 -12.42 -23.64
N ALA D 119 2.93 -13.41 -22.75
CA ALA D 119 3.99 -14.41 -22.64
C ALA D 119 3.35 -15.78 -22.69
N ASN D 120 3.79 -16.59 -23.65
CA ASN D 120 3.23 -17.93 -23.85
C ASN D 120 1.71 -17.86 -24.14
N GLY D 121 1.29 -16.81 -24.83
CA GLY D 121 -0.13 -16.55 -25.11
C GLY D 121 -0.97 -16.01 -23.96
N GLN D 122 -0.39 -15.90 -22.76
CA GLN D 122 -1.08 -15.37 -21.59
C GLN D 122 -0.79 -13.87 -21.48
N HIS D 123 -1.79 -13.09 -21.09
CA HIS D 123 -1.61 -11.65 -20.93
C HIS D 123 -0.66 -11.35 -19.76
N LEU D 124 0.34 -10.52 -20.01
CA LEU D 124 1.33 -10.16 -19.00
C LEU D 124 1.04 -8.78 -18.42
N PHE D 125 1.05 -7.76 -19.28
CA PHE D 125 0.71 -6.39 -18.90
C PHE D 125 0.35 -5.59 -20.14
N ASP D 126 -0.34 -4.47 -19.92
CA ASP D 126 -0.50 -3.40 -20.88
C ASP D 126 0.34 -2.22 -20.42
N PHE D 127 0.84 -1.44 -21.39
CA PHE D 127 1.62 -0.23 -21.11
C PHE D 127 1.11 0.90 -22.00
N ALA D 128 0.47 1.89 -21.40
CA ALA D 128 -0.08 3.03 -22.15
C ALA D 128 1.05 3.87 -22.75
N HIS D 129 0.89 4.32 -23.98
CA HIS D 129 1.89 5.20 -24.58
C HIS D 129 2.00 6.47 -23.72
N ARG D 130 3.24 6.87 -23.44
CA ARG D 130 3.53 8.16 -22.79
C ARG D 130 4.08 9.14 -23.82
N LEU D 131 4.91 8.64 -24.75
CA LEU D 131 5.30 9.38 -25.95
C LEU D 131 4.23 9.16 -27.02
N SER D 132 3.47 10.22 -27.30
CA SER D 132 2.26 10.14 -28.14
C SER D 132 2.52 9.57 -29.53
N ALA D 133 3.44 10.20 -30.25
CA ALA D 133 3.78 9.78 -31.62
C ALA D 133 4.72 8.58 -31.60
N PHE D 134 4.15 7.40 -31.34
CA PHE D 134 4.89 6.12 -31.36
C PHE D 134 5.47 5.78 -32.74
N GLN D 135 4.92 6.37 -33.81
CA GLN D 135 5.53 6.38 -35.15
C GLN D 135 7.05 6.68 -35.17
N ARG D 136 7.50 7.53 -34.25
CA ARG D 136 8.90 7.95 -34.17
C ARG D 136 9.84 6.82 -33.70
N VAL D 137 9.27 5.81 -33.03
CA VAL D 137 10.02 4.63 -32.59
C VAL D 137 10.37 3.80 -33.82
N ASP D 138 11.67 3.61 -34.07
CA ASP D 138 12.14 2.84 -35.21
C ASP D 138 13.21 1.79 -34.86
N THR D 139 13.44 1.54 -33.58
CA THR D 139 14.55 0.68 -33.13
C THR D 139 14.12 -0.25 -32.01
N LEU D 140 14.24 -1.55 -32.26
CA LEU D 140 14.08 -2.57 -31.24
C LEU D 140 15.47 -2.97 -30.78
N GLU D 141 15.76 -2.77 -29.50
CA GLU D 141 17.05 -3.10 -28.89
C GLU D 141 16.81 -4.09 -27.77
N ILE D 142 17.63 -5.15 -27.73
CA ILE D 142 17.59 -6.18 -26.69
C ILE D 142 19.00 -6.41 -26.19
N GLN D 143 19.20 -6.22 -24.89
CA GLN D 143 20.52 -6.34 -24.25
C GLN D 143 20.43 -7.05 -22.91
N GLY D 144 21.57 -7.55 -22.44
CA GLY D 144 21.68 -8.10 -21.09
C GLY D 144 21.79 -9.59 -21.12
N ASP D 145 21.42 -10.25 -20.02
CA ASP D 145 21.59 -11.71 -19.85
C ASP D 145 20.38 -12.47 -20.35
N VAL D 146 20.39 -12.73 -21.65
CA VAL D 146 19.33 -13.46 -22.34
C VAL D 146 19.96 -14.06 -23.57
N THR D 147 19.43 -15.19 -24.01
CA THR D 147 19.80 -15.79 -25.29
C THR D 147 18.54 -15.79 -26.14
N LEU D 148 18.65 -15.27 -27.36
CA LEU D 148 17.49 -15.14 -28.24
C LEU D 148 17.49 -16.31 -29.19
N SER D 149 16.37 -17.04 -29.25
CA SER D 149 16.21 -18.12 -30.23
C SER D 149 15.56 -17.61 -31.53
N TYR D 150 14.79 -16.51 -31.44
CA TYR D 150 13.89 -16.12 -32.52
C TYR D 150 13.39 -14.70 -32.30
N VAL D 151 13.52 -13.84 -33.30
CA VAL D 151 12.87 -12.51 -33.30
C VAL D 151 12.22 -12.25 -34.64
N GLN D 152 10.93 -11.93 -34.60
CA GLN D 152 10.19 -11.59 -35.81
C GLN D 152 9.54 -10.23 -35.57
N ILE D 153 9.80 -9.30 -36.48
CA ILE D 153 9.06 -8.06 -36.53
C ILE D 153 8.01 -8.27 -37.61
#